data_3GQ3
#
_entry.id   3GQ3
#
_cell.length_a   45.085
_cell.length_b   92.411
_cell.length_c   105.836
_cell.angle_alpha   90.000
_cell.angle_beta   90.000
_cell.angle_gamma   90.000
#
_symmetry.space_group_name_H-M   'P 21 21 21'
#
loop_
_entity.id
_entity.type
_entity.pdbx_description
1 polymer 'DNA glycosylase'
2 polymer "DNA (5'-D(*AP*GP*GP*TP*AP*GP*AP*CP*CP*CP*GP*GP*AP*CP*GP*C)-3')"
3 polymer "DNA (5'-D(*TP*GP*CP*GP*TP*CP*CP*GP*(8OG)P*GP*TP*CP*TP*AP*CP*C)-3')"
4 non-polymer 'ZINC ION'
5 water water
#
loop_
_entity_poly.entity_id
_entity_poly.type
_entity_poly.pdbx_seq_one_letter_code
_entity_poly.pdbx_strand_id
1 'polypeptide(L)'
;PELPEVETIRRTLLPLIVGKTIEDVRIFWPNIIRHPRDSEAFAARMIGQTVRGLERRGKFLKFLLDRDALISHLRMEGRY
AVASALEPLEPHTHVVFCFTDGSELRYRDVRKFGTMHVYAKEEADRRPPLAELGPEPLSPAFSPAVLAERAVKTKRSVKA
LLLDCTVVAGFGNIYVDESLFRAGILPGRPAASLSSKEIERLHEEMVATIGEAVMKGGQHHLYVYGRQGNPCKRCGTPIE
KTVVAGRGTHYCPRCQR
;
A
2 'polydeoxyribonucleotide' (DA)(DG)(DG)(DT)(DA)(DG)(DA)(DC)(DC)(DC)(DG)(DG)(DA)(DC)(DG)(DC) B
3 'polydeoxyribonucleotide' (DT)(DG)(DC)(DG)(DT)(DC)(DC)(DG)(8OG)(DG)(DT)(DC)(DT)(DA)(DC)(DC) C
#
loop_
_chem_comp.id
_chem_comp.type
_chem_comp.name
_chem_comp.formula
8OG DNA linking 8-OXO-2'-DEOXY-GUANOSINE-5'-MONOPHOSPHATE 'C10 H14 N5 O8 P'
DA DNA linking 2'-DEOXYADENOSINE-5'-MONOPHOSPHATE 'C10 H14 N5 O6 P'
DC DNA linking 2'-DEOXYCYTIDINE-5'-MONOPHOSPHATE 'C9 H14 N3 O7 P'
DG DNA linking 2'-DEOXYGUANOSINE-5'-MONOPHOSPHATE 'C10 H14 N5 O7 P'
DT DNA linking THYMIDINE-5'-MONOPHOSPHATE 'C10 H15 N2 O8 P'
ZN non-polymer 'ZINC ION' 'Zn 2'
#
# COMPACT_ATOMS: atom_id res chain seq x y z
N PRO A 1 -1.53 -2.73 6.82
CA PRO A 1 -0.08 -2.89 6.71
C PRO A 1 0.59 -1.93 5.71
N GLU A 2 1.84 -1.58 6.03
CA GLU A 2 2.70 -0.79 5.14
C GLU A 2 3.33 -1.67 4.07
N LEU A 3 3.95 -1.04 3.06
CA LEU A 3 4.58 -1.76 1.96
C LEU A 3 5.47 -2.96 2.41
N PRO A 4 6.40 -2.75 3.37
CA PRO A 4 7.22 -3.87 3.82
C PRO A 4 6.41 -5.06 4.35
N GLU A 5 5.33 -4.78 5.09
CA GLU A 5 4.50 -5.85 5.65
C GLU A 5 3.68 -6.54 4.57
N VAL A 6 3.21 -5.78 3.59
CA VAL A 6 2.55 -6.37 2.38
C VAL A 6 3.49 -7.31 1.64
N GLU A 7 4.77 -6.92 1.52
CA GLU A 7 5.76 -7.80 0.90
C GLU A 7 5.91 -9.11 1.72
N THR A 8 5.97 -9.00 3.05
CA THR A 8 5.99 -10.17 3.94
C THR A 8 4.75 -11.06 3.75
N ILE A 9 3.56 -10.46 3.78
CA ILE A 9 2.32 -11.17 3.44
C ILE A 9 2.42 -11.88 2.08
N ARG A 10 2.86 -11.17 1.05
CA ARG A 10 3.02 -11.77 -0.28
C ARG A 10 3.87 -13.03 -0.19
N ARG A 11 5.03 -12.94 0.48
CA ARG A 11 5.96 -14.08 0.56
C ARG A 11 5.41 -15.22 1.38
N THR A 12 4.68 -14.89 2.44
CA THR A 12 4.14 -15.89 3.36
C THR A 12 2.93 -16.59 2.77
N LEU A 13 2.07 -15.81 2.12
CA LEU A 13 0.81 -16.34 1.60
C LEU A 13 0.98 -17.21 0.37
N LEU A 14 1.93 -16.86 -0.48
CA LEU A 14 2.09 -17.57 -1.76
C LEU A 14 2.13 -19.11 -1.60
N PRO A 15 3.05 -19.66 -0.77
CA PRO A 15 3.11 -21.12 -0.67
C PRO A 15 1.86 -21.78 -0.08
N LEU A 16 1.06 -20.99 0.61
CA LEU A 16 -0.16 -21.46 1.27
C LEU A 16 -1.34 -21.54 0.32
N ILE A 17 -1.25 -20.89 -0.83
CA ILE A 17 -2.35 -20.91 -1.81
C ILE A 17 -1.95 -21.33 -3.22
N VAL A 18 -0.66 -21.30 -3.54
CA VAL A 18 -0.27 -21.64 -4.91
C VAL A 18 -0.73 -23.06 -5.29
N GLY A 19 -1.27 -23.21 -6.50
CA GLY A 19 -1.72 -24.50 -7.02
C GLY A 19 -3.09 -24.94 -6.54
N LYS A 20 -3.71 -24.15 -5.66
CA LYS A 20 -5.07 -24.46 -5.20
C LYS A 20 -6.08 -23.95 -6.19
N THR A 21 -7.20 -24.65 -6.31
CA THR A 21 -8.25 -24.34 -7.26
C THR A 21 -9.48 -23.80 -6.53
N ILE A 22 -9.99 -22.69 -7.03
CA ILE A 22 -11.14 -22.07 -6.41
C ILE A 22 -12.41 -22.84 -6.68
N GLU A 23 -13.11 -23.21 -5.61
CA GLU A 23 -14.40 -23.92 -5.80
C GLU A 23 -15.62 -23.03 -5.52
N ASP A 24 -15.44 -22.02 -4.67
CA ASP A 24 -16.55 -21.10 -4.38
C ASP A 24 -15.92 -19.79 -3.97
N VAL A 25 -16.70 -18.71 -4.07
CA VAL A 25 -16.30 -17.40 -3.53
C VAL A 25 -17.52 -16.87 -2.83
N ARG A 26 -17.37 -16.61 -1.53
CA ARG A 26 -18.47 -16.20 -0.69
C ARG A 26 -18.24 -14.76 -0.25
N ILE A 27 -19.25 -13.93 -0.42
CA ILE A 27 -19.05 -12.49 -0.21
C ILE A 27 -20.12 -12.06 0.77
N PHE A 28 -19.65 -11.54 1.90
CA PHE A 28 -20.53 -11.12 2.99
C PHE A 28 -20.72 -9.61 3.05
N TRP A 29 -19.89 -8.88 2.32
CA TRP A 29 -20.06 -7.42 2.19
C TRP A 29 -19.75 -7.07 0.74
N PRO A 30 -20.79 -6.98 -0.11
CA PRO A 30 -20.57 -6.80 -1.54
C PRO A 30 -19.74 -5.55 -1.91
N ASN A 31 -19.85 -4.46 -1.14
CA ASN A 31 -19.11 -3.27 -1.54
C ASN A 31 -17.57 -3.34 -1.53
N ILE A 32 -17.01 -4.38 -0.91
CA ILE A 32 -15.57 -4.64 -1.01
C ILE A 32 -15.18 -4.82 -2.51
N ILE A 33 -16.09 -5.45 -3.28
CA ILE A 33 -15.88 -5.75 -4.69
C ILE A 33 -16.11 -4.50 -5.51
N ARG A 34 -15.06 -4.06 -6.21
CA ARG A 34 -15.15 -2.87 -7.03
C ARG A 34 -15.19 -3.14 -8.53
N HIS A 35 -14.64 -4.28 -8.95
CA HIS A 35 -14.80 -4.75 -10.33
C HIS A 35 -14.71 -6.26 -10.39
N PRO A 36 -15.59 -6.93 -11.17
CA PRO A 36 -16.78 -6.39 -11.81
C PRO A 36 -17.67 -5.67 -10.77
N ARG A 37 -18.57 -4.82 -11.25
CA ARG A 37 -19.42 -4.05 -10.35
C ARG A 37 -20.43 -4.92 -9.56
N ASP A 38 -20.85 -6.03 -10.15
CA ASP A 38 -21.73 -6.99 -9.53
C ASP A 38 -20.87 -8.01 -8.76
N SER A 39 -21.02 -8.08 -7.44
CA SER A 39 -20.21 -9.05 -6.68
C SER A 39 -20.53 -10.50 -7.14
N GLU A 40 -21.72 -10.77 -7.68
CA GLU A 40 -22.04 -12.12 -8.15
C GLU A 40 -21.20 -12.53 -9.37
N ALA A 41 -20.89 -11.57 -10.22
CA ALA A 41 -20.04 -11.83 -11.40
C ALA A 41 -18.62 -12.04 -10.95
N PHE A 42 -18.17 -11.23 -9.99
CA PHE A 42 -16.83 -11.38 -9.37
C PHE A 42 -16.67 -12.81 -8.87
N ALA A 43 -17.64 -13.28 -8.08
CA ALA A 43 -17.60 -14.67 -7.53
C ALA A 43 -17.62 -15.70 -8.65
N ALA A 44 -18.56 -15.56 -9.56
CA ALA A 44 -18.75 -16.57 -10.59
C ALA A 44 -17.51 -16.76 -11.45
N ARG A 45 -16.84 -15.65 -11.76
CA ARG A 45 -15.74 -15.75 -12.71
C ARG A 45 -14.51 -16.44 -12.13
N MET A 46 -14.36 -16.36 -10.82
CA MET A 46 -13.17 -16.92 -10.19
C MET A 46 -13.23 -18.42 -10.04
N ILE A 47 -14.44 -18.95 -9.96
CA ILE A 47 -14.64 -20.41 -9.75
C ILE A 47 -14.02 -21.23 -10.85
N GLY A 48 -13.26 -22.24 -10.45
CA GLY A 48 -12.58 -23.14 -11.40
C GLY A 48 -11.15 -22.71 -11.72
N GLN A 49 -10.78 -21.49 -11.33
CA GLN A 49 -9.44 -21.00 -11.57
C GLN A 49 -8.48 -21.44 -10.49
N THR A 50 -7.25 -21.74 -10.88
CA THR A 50 -6.19 -22.14 -9.96
C THR A 50 -5.28 -20.97 -9.68
N VAL A 51 -4.83 -20.84 -8.44
CA VAL A 51 -3.88 -19.80 -8.06
C VAL A 51 -2.48 -20.17 -8.58
N ARG A 52 -1.90 -19.27 -9.37
CA ARG A 52 -0.63 -19.52 -10.00
C ARG A 52 0.50 -18.65 -9.44
N GLY A 53 0.16 -17.48 -8.90
CA GLY A 53 1.23 -16.56 -8.46
C GLY A 53 0.69 -15.51 -7.54
N LEU A 54 1.59 -14.77 -6.90
CA LEU A 54 1.20 -13.67 -6.03
C LEU A 54 2.31 -12.61 -6.09
N GLU A 55 1.93 -11.44 -6.60
CA GLU A 55 2.84 -10.34 -6.82
C GLU A 55 2.37 -9.15 -5.99
N ARG A 56 3.30 -8.21 -5.78
CA ARG A 56 3.01 -6.98 -5.06
C ARG A 56 3.33 -5.77 -5.93
N ARG A 57 2.44 -4.78 -5.91
N ARG A 57 2.43 -4.79 -5.95
CA ARG A 57 2.63 -3.50 -6.59
CA ARG A 57 2.67 -3.49 -6.57
C ARG A 57 2.23 -2.43 -5.59
C ARG A 57 2.23 -2.44 -5.56
N GLY A 58 3.20 -1.69 -5.05
CA GLY A 58 2.94 -0.77 -3.94
C GLY A 58 2.43 -1.55 -2.73
N LYS A 59 1.26 -1.14 -2.22
CA LYS A 59 0.56 -1.89 -1.18
C LYS A 59 -0.55 -2.80 -1.69
N PHE A 60 -0.66 -2.92 -3.01
CA PHE A 60 -1.58 -3.88 -3.63
C PHE A 60 -0.96 -5.26 -3.73
N LEU A 61 -1.80 -6.27 -3.50
CA LEU A 61 -1.44 -7.64 -3.83
C LEU A 61 -2.16 -7.99 -5.10
N LYS A 62 -1.42 -8.60 -6.01
CA LYS A 62 -1.97 -9.09 -7.26
C LYS A 62 -1.90 -10.61 -7.23
N PHE A 63 -3.03 -11.26 -6.98
CA PHE A 63 -3.17 -12.70 -7.07
C PHE A 63 -3.32 -13.13 -8.55
N LEU A 64 -2.39 -13.96 -9.04
CA LEU A 64 -2.48 -14.40 -10.43
C LEU A 64 -3.14 -15.76 -10.50
N LEU A 65 -4.24 -15.82 -11.23
CA LEU A 65 -4.95 -17.09 -11.42
C LEU A 65 -4.68 -17.56 -12.83
N ASP A 66 -5.50 -18.45 -13.33
CA ASP A 66 -5.33 -18.97 -14.72
C ASP A 66 -5.57 -17.91 -15.78
N ARG A 67 -6.74 -17.29 -15.74
CA ARG A 67 -7.13 -16.27 -16.71
C ARG A 67 -7.08 -14.87 -16.07
N ASP A 68 -7.48 -14.78 -14.82
CA ASP A 68 -7.73 -13.47 -14.17
C ASP A 68 -6.64 -13.11 -13.17
N ALA A 69 -6.59 -11.82 -12.82
CA ALA A 69 -5.79 -11.35 -11.69
C ALA A 69 -6.76 -10.77 -10.70
N LEU A 70 -6.59 -11.10 -9.43
CA LEU A 70 -7.31 -10.43 -8.35
C LEU A 70 -6.39 -9.38 -7.73
N ILE A 71 -6.84 -8.14 -7.75
CA ILE A 71 -6.08 -7.04 -7.13
C ILE A 71 -6.72 -6.67 -5.80
N SER A 72 -5.97 -6.77 -4.70
CA SER A 72 -6.57 -6.60 -3.38
C SER A 72 -5.76 -5.57 -2.57
N HIS A 73 -6.47 -4.72 -1.86
CA HIS A 73 -5.82 -3.77 -0.93
C HIS A 73 -6.43 -3.93 0.44
N LEU A 74 -5.56 -4.12 1.45
CA LEU A 74 -5.98 -4.31 2.84
C LEU A 74 -6.16 -3.02 3.63
N ARG A 75 -5.64 -1.92 3.04
CA ARG A 75 -5.38 -0.67 3.75
C ARG A 75 -4.72 -0.90 5.10
N MET A 76 -5.22 -0.26 6.17
CA MET A 76 -4.53 -0.30 7.46
C MET A 76 -4.83 -1.54 8.31
N GLU A 77 -6.04 -2.09 8.20
CA GLU A 77 -6.51 -3.09 9.19
C GLU A 77 -6.93 -4.44 8.63
N GLY A 78 -6.91 -4.56 7.31
CA GLY A 78 -7.29 -5.80 6.63
C GLY A 78 -6.28 -6.90 6.88
N ARG A 79 -6.75 -8.15 6.85
CA ARG A 79 -5.86 -9.29 7.08
C ARG A 79 -6.31 -10.47 6.23
N TYR A 80 -5.35 -11.29 5.83
CA TYR A 80 -5.68 -12.54 5.15
C TYR A 80 -5.31 -13.71 6.03
N ALA A 81 -6.10 -14.79 5.94
CA ALA A 81 -5.73 -15.99 6.62
C ALA A 81 -6.08 -17.17 5.74
N VAL A 82 -5.30 -18.25 5.84
CA VAL A 82 -5.65 -19.51 5.18
C VAL A 82 -5.99 -20.52 6.27
N ALA A 83 -7.16 -21.14 6.18
CA ALA A 83 -7.67 -21.98 7.26
C ALA A 83 -8.71 -22.96 6.72
N SER A 84 -9.13 -23.90 7.55
CA SER A 84 -10.04 -24.95 7.15
C SER A 84 -11.48 -24.47 7.01
N ALA A 85 -12.15 -24.97 5.96
CA ALA A 85 -13.61 -24.73 5.81
C ALA A 85 -14.45 -25.31 6.97
N LEU A 86 -13.88 -26.22 7.76
CA LEU A 86 -14.62 -26.89 8.82
C LEU A 86 -14.71 -26.07 10.07
N GLU A 87 -13.92 -25.01 10.13
CA GLU A 87 -13.80 -24.25 11.40
C GLU A 87 -14.60 -22.95 11.28
N PRO A 88 -15.10 -22.43 12.40
CA PRO A 88 -15.85 -21.17 12.31
C PRO A 88 -14.97 -20.04 11.78
N LEU A 89 -15.57 -19.17 10.96
CA LEU A 89 -14.85 -17.94 10.53
C LEU A 89 -14.54 -16.98 11.68
N GLU A 90 -13.45 -16.21 11.52
CA GLU A 90 -13.11 -15.11 12.43
C GLU A 90 -14.16 -14.00 12.28
N PRO A 91 -14.39 -13.23 13.35
CA PRO A 91 -15.27 -12.04 13.21
C PRO A 91 -14.78 -11.09 12.10
N HIS A 92 -15.71 -10.38 11.48
CA HIS A 92 -15.43 -9.37 10.45
C HIS A 92 -14.86 -9.97 9.19
N THR A 93 -15.22 -11.22 8.86
CA THR A 93 -14.76 -11.83 7.61
C THR A 93 -15.68 -11.42 6.48
N HIS A 94 -15.17 -10.80 5.42
CA HIS A 94 -16.05 -10.23 4.38
C HIS A 94 -16.05 -10.95 3.06
N VAL A 95 -14.95 -11.67 2.76
CA VAL A 95 -14.84 -12.39 1.50
C VAL A 95 -14.02 -13.62 1.79
N VAL A 96 -14.48 -14.77 1.31
CA VAL A 96 -13.77 -16.06 1.47
C VAL A 96 -13.66 -16.74 0.11
N PHE A 97 -12.44 -17.16 -0.25
CA PHE A 97 -12.22 -17.96 -1.45
C PHE A 97 -12.09 -19.38 -0.96
N CYS A 98 -13.02 -20.24 -1.35
CA CYS A 98 -13.00 -21.62 -0.96
C CYS A 98 -12.27 -22.43 -2.00
N PHE A 99 -11.32 -23.24 -1.55
CA PHE A 99 -10.55 -24.08 -2.48
C PHE A 99 -11.07 -25.53 -2.49
N THR A 100 -10.77 -26.27 -3.56
CA THR A 100 -11.26 -27.65 -3.68
C THR A 100 -10.66 -28.60 -2.64
N ASP A 101 -9.58 -28.19 -1.95
CA ASP A 101 -8.97 -29.05 -0.93
C ASP A 101 -9.54 -28.81 0.49
N GLY A 102 -10.63 -28.06 0.59
CA GLY A 102 -11.28 -27.81 1.88
C GLY A 102 -10.62 -26.71 2.69
N SER A 103 -9.60 -26.07 2.12
CA SER A 103 -9.05 -24.86 2.76
C SER A 103 -9.67 -23.59 2.15
N GLU A 104 -9.40 -22.46 2.80
CA GLU A 104 -9.99 -21.20 2.40
C GLU A 104 -8.98 -20.08 2.55
N LEU A 105 -9.03 -19.10 1.64
CA LEU A 105 -8.34 -17.80 1.84
C LEU A 105 -9.41 -16.83 2.29
N ARG A 106 -9.20 -16.23 3.46
CA ARG A 106 -10.20 -15.35 4.04
C ARG A 106 -9.68 -13.96 4.16
N TYR A 107 -10.50 -12.99 3.78
CA TYR A 107 -10.21 -11.58 4.06
C TYR A 107 -11.11 -11.07 5.19
N ARG A 108 -10.47 -10.54 6.24
CA ARG A 108 -11.22 -9.96 7.35
C ARG A 108 -10.70 -8.56 7.63
N ASP A 109 -11.57 -7.71 8.16
CA ASP A 109 -11.15 -6.35 8.41
C ASP A 109 -12.19 -5.71 9.34
N VAL A 110 -11.78 -5.43 10.57
CA VAL A 110 -12.68 -4.70 11.49
C VAL A 110 -13.21 -3.37 10.88
N ARG A 111 -12.42 -2.74 10.01
CA ARG A 111 -12.77 -1.45 9.40
C ARG A 111 -13.56 -1.63 8.10
N LYS A 112 -13.55 -2.84 7.57
CA LYS A 112 -14.29 -3.15 6.33
C LYS A 112 -13.91 -2.16 5.21
N PHE A 113 -12.61 -1.90 5.07
CA PHE A 113 -12.19 -0.72 4.30
C PHE A 113 -11.39 -1.10 3.07
N GLY A 114 -11.22 -2.39 2.88
CA GLY A 114 -10.36 -2.85 1.79
C GLY A 114 -11.13 -2.90 0.48
N THR A 115 -10.44 -3.18 -0.61
CA THR A 115 -11.08 -3.22 -1.93
C THR A 115 -10.52 -4.38 -2.75
N MET A 116 -11.36 -4.92 -3.64
CA MET A 116 -10.92 -6.00 -4.56
C MET A 116 -11.41 -5.73 -5.98
N HIS A 117 -10.52 -5.96 -6.95
CA HIS A 117 -10.89 -5.81 -8.38
C HIS A 117 -10.40 -7.06 -9.09
N VAL A 118 -11.19 -7.60 -10.03
CA VAL A 118 -10.72 -8.73 -10.85
C VAL A 118 -10.85 -8.34 -12.31
N TYR A 119 -9.78 -8.58 -13.08
CA TYR A 119 -9.79 -8.42 -14.52
C TYR A 119 -8.99 -9.55 -15.14
N ALA A 120 -9.14 -9.75 -16.45
CA ALA A 120 -8.22 -10.60 -17.19
C ALA A 120 -6.80 -10.12 -16.88
N LYS A 121 -5.88 -11.06 -16.68
CA LYS A 121 -4.53 -10.72 -16.23
C LYS A 121 -3.86 -9.63 -17.07
N GLU A 122 -4.01 -9.75 -18.38
CA GLU A 122 -3.40 -8.82 -19.34
C GLU A 122 -3.94 -7.39 -19.27
N GLU A 123 -5.08 -7.20 -18.60
N GLU A 123 -5.10 -7.22 -18.63
CA GLU A 123 -5.73 -5.90 -18.49
CA GLU A 123 -5.77 -5.93 -18.48
C GLU A 123 -5.46 -5.24 -17.16
C GLU A 123 -5.37 -5.24 -17.18
N ALA A 124 -5.00 -6.02 -16.18
CA ALA A 124 -4.89 -5.54 -14.80
C ALA A 124 -4.03 -4.28 -14.63
N ASP A 125 -2.88 -4.25 -15.30
CA ASP A 125 -1.94 -3.15 -15.15
C ASP A 125 -2.42 -1.84 -15.77
N ARG A 126 -3.39 -1.93 -16.68
CA ARG A 126 -3.89 -0.73 -17.35
C ARG A 126 -5.29 -0.28 -16.91
N ARG A 127 -5.78 -0.86 -15.82
CA ARG A 127 -7.08 -0.49 -15.25
C ARG A 127 -6.91 -0.08 -13.82
N PRO A 128 -7.92 0.59 -13.23
CA PRO A 128 -7.80 0.81 -11.78
C PRO A 128 -7.81 -0.52 -11.02
N PRO A 129 -7.13 -0.60 -9.87
CA PRO A 129 -6.41 0.51 -9.22
C PRO A 129 -4.91 0.61 -9.54
N LEU A 130 -4.38 -0.27 -10.39
CA LEU A 130 -2.94 -0.26 -10.70
C LEU A 130 -2.49 0.74 -11.76
N ALA A 131 -3.42 1.11 -12.66
CA ALA A 131 -3.11 1.98 -13.81
C ALA A 131 -2.20 3.19 -13.54
N GLU A 132 -2.47 3.98 -12.54
CA GLU A 132 -1.68 5.24 -12.50
C GLU A 132 -0.50 5.17 -11.51
N LEU A 133 -0.28 3.98 -10.96
CA LEU A 133 0.67 3.79 -9.85
C LEU A 133 2.10 4.12 -10.25
N GLY A 134 2.79 4.91 -9.42
CA GLY A 134 4.18 5.28 -9.72
C GLY A 134 5.14 4.13 -9.46
N PRO A 135 6.44 4.38 -9.65
CA PRO A 135 7.44 3.32 -9.56
C PRO A 135 7.61 2.77 -8.15
N GLU A 136 8.06 1.52 -8.04
CA GLU A 136 8.44 0.96 -6.75
C GLU A 136 9.56 1.80 -6.13
N PRO A 137 9.40 2.19 -4.84
CA PRO A 137 10.40 3.08 -4.22
C PRO A 137 11.78 2.45 -4.13
N LEU A 138 11.85 1.12 -4.10
CA LEU A 138 13.14 0.45 -4.02
C LEU A 138 13.68 0.07 -5.40
N SER A 139 13.04 0.56 -6.45
CA SER A 139 13.46 0.23 -7.82
C SER A 139 14.26 1.38 -8.45
N PRO A 140 15.12 1.08 -9.43
CA PRO A 140 15.87 2.16 -10.06
C PRO A 140 14.94 3.13 -10.79
N ALA A 141 13.71 2.69 -11.09
CA ALA A 141 12.70 3.55 -11.70
C ALA A 141 12.28 4.71 -10.78
N PHE A 142 12.50 4.56 -9.48
CA PHE A 142 12.32 5.72 -8.60
C PHE A 142 13.68 6.37 -8.35
N SER A 143 13.87 7.53 -8.97
CA SER A 143 15.14 8.21 -8.94
C SER A 143 15.01 9.67 -8.49
N PRO A 144 16.14 10.32 -8.12
CA PRO A 144 16.05 11.75 -7.84
C PRO A 144 15.49 12.53 -9.02
N ALA A 145 15.87 12.15 -10.24
CA ALA A 145 15.38 12.84 -11.44
C ALA A 145 13.86 12.77 -11.56
N VAL A 146 13.29 11.61 -11.24
CA VAL A 146 11.84 11.41 -11.31
C VAL A 146 11.16 12.33 -10.30
N LEU A 147 11.71 12.36 -9.07
CA LEU A 147 11.23 13.19 -7.98
C LEU A 147 11.33 14.69 -8.32
N ALA A 148 12.49 15.09 -8.83
CA ALA A 148 12.76 16.47 -9.24
C ALA A 148 11.77 16.99 -10.30
N GLU A 149 11.52 16.16 -11.31
CA GLU A 149 10.65 16.55 -12.42
C GLU A 149 9.20 16.71 -11.99
N ARG A 150 8.76 15.93 -11.01
CA ARG A 150 7.44 16.09 -10.44
C ARG A 150 7.38 17.33 -9.51
N ALA A 151 8.45 17.55 -8.74
CA ALA A 151 8.47 18.66 -7.78
C ALA A 151 8.47 20.03 -8.47
N VAL A 152 9.17 20.14 -9.59
CA VAL A 152 9.32 21.40 -10.32
C VAL A 152 7.98 21.97 -10.85
N LYS A 153 7.10 21.09 -11.33
CA LYS A 153 5.89 21.52 -12.04
C LYS A 153 4.63 21.73 -11.18
N THR A 154 4.76 21.59 -9.85
CA THR A 154 3.61 21.65 -8.96
C THR A 154 3.68 22.80 -7.94
N LYS A 155 2.51 23.24 -7.51
CA LYS A 155 2.41 24.27 -6.46
C LYS A 155 2.26 23.62 -5.07
N ARG A 156 2.16 22.29 -5.05
CA ARG A 156 1.83 21.54 -3.84
C ARG A 156 3.00 21.49 -2.90
N SER A 157 2.72 21.24 -1.61
CA SER A 157 3.75 21.05 -0.60
C SER A 157 4.49 19.74 -0.91
N VAL A 158 5.68 19.58 -0.34
CA VAL A 158 6.46 18.35 -0.54
C VAL A 158 5.74 17.12 0.03
N LYS A 159 5.05 17.29 1.17
CA LYS A 159 4.25 16.21 1.72
C LYS A 159 3.13 15.74 0.78
N ALA A 160 2.37 16.68 0.22
CA ALA A 160 1.29 16.31 -0.71
C ALA A 160 1.86 15.57 -1.93
N LEU A 161 3.03 16.01 -2.39
CA LEU A 161 3.71 15.34 -3.49
C LEU A 161 4.06 13.88 -3.18
N LEU A 162 4.66 13.62 -2.03
CA LEU A 162 5.08 12.26 -1.69
C LEU A 162 3.90 11.35 -1.37
N LEU A 163 2.77 11.93 -0.97
CA LEU A 163 1.53 11.17 -0.75
C LEU A 163 0.79 10.78 -2.07
N ASP A 164 1.24 11.34 -3.19
CA ASP A 164 0.62 11.10 -4.48
C ASP A 164 1.10 9.75 -5.02
N CYS A 165 0.21 8.78 -5.12
CA CYS A 165 0.57 7.44 -5.56
C CYS A 165 1.11 7.37 -6.99
N THR A 166 0.91 8.43 -7.77
CA THR A 166 1.42 8.44 -9.15
C THR A 166 2.92 8.82 -9.19
N VAL A 167 3.42 9.40 -8.09
CA VAL A 167 4.81 9.85 -7.98
C VAL A 167 5.68 8.64 -7.62
N VAL A 168 5.21 7.89 -6.63
CA VAL A 168 5.93 6.74 -6.10
C VAL A 168 4.92 5.85 -5.39
N ALA A 169 5.08 4.53 -5.52
CA ALA A 169 4.14 3.56 -4.98
C ALA A 169 4.38 3.38 -3.51
N GLY A 170 3.29 3.35 -2.75
CA GLY A 170 3.34 2.87 -1.37
C GLY A 170 3.74 3.77 -0.21
N PHE A 171 4.03 5.05 -0.46
CA PHE A 171 4.31 6.01 0.60
C PHE A 171 3.05 6.62 1.18
N GLY A 172 2.71 6.23 2.39
CA GLY A 172 1.60 6.80 3.12
C GLY A 172 2.04 7.76 4.21
N ASN A 173 1.12 8.21 5.06
CA ASN A 173 1.39 9.28 6.01
C ASN A 173 2.63 9.02 6.89
N ILE A 174 2.78 7.78 7.37
CA ILE A 174 3.88 7.48 8.32
C ILE A 174 5.26 7.61 7.66
N TYR A 175 5.47 6.91 6.55
CA TYR A 175 6.76 6.98 5.88
C TYR A 175 7.06 8.32 5.27
N VAL A 176 6.02 9.06 4.86
CA VAL A 176 6.22 10.43 4.40
C VAL A 176 6.78 11.31 5.52
N ASP A 177 6.10 11.35 6.67
CA ASP A 177 6.60 12.16 7.80
C ASP A 177 8.01 11.73 8.24
N GLU A 178 8.23 10.43 8.32
CA GLU A 178 9.52 9.91 8.80
C GLU A 178 10.64 10.24 7.80
N SER A 179 10.37 10.10 6.51
CA SER A 179 11.38 10.37 5.47
C SER A 179 11.75 11.84 5.45
N LEU A 180 10.73 12.68 5.55
CA LEU A 180 10.96 14.12 5.56
C LEU A 180 11.79 14.54 6.78
N PHE A 181 11.50 13.92 7.92
CA PHE A 181 12.34 14.18 9.10
C PHE A 181 13.79 13.77 8.86
N ARG A 182 13.99 12.56 8.36
CA ARG A 182 15.34 12.04 8.10
C ARG A 182 16.15 12.88 7.08
N ALA A 183 15.43 13.49 6.14
CA ALA A 183 16.01 14.36 5.13
C ALA A 183 16.17 15.81 5.57
N GLY A 184 15.59 16.17 6.72
CA GLY A 184 15.71 17.52 7.26
C GLY A 184 14.88 18.57 6.53
N ILE A 185 13.74 18.13 6.00
CA ILE A 185 12.87 19.00 5.17
C ILE A 185 11.49 19.15 5.82
N LEU A 186 11.01 20.39 5.97
CA LEU A 186 9.67 20.62 6.54
C LEU A 186 8.59 20.11 5.55
N PRO A 187 7.54 19.45 6.07
CA PRO A 187 6.52 18.84 5.20
C PRO A 187 5.71 19.89 4.46
N GLY A 188 5.59 21.08 5.05
CA GLY A 188 4.83 22.15 4.43
C GLY A 188 5.57 22.96 3.36
N ARG A 189 6.84 22.65 3.14
CA ARG A 189 7.64 23.35 2.13
C ARG A 189 7.02 23.11 0.75
N PRO A 190 6.90 24.15 -0.10
CA PRO A 190 6.45 23.85 -1.48
C PRO A 190 7.44 22.90 -2.14
N ALA A 191 6.93 21.89 -2.86
CA ALA A 191 7.78 20.91 -3.54
C ALA A 191 8.79 21.61 -4.47
N ALA A 192 8.31 22.68 -5.11
CA ALA A 192 9.11 23.49 -6.03
C ALA A 192 10.24 24.27 -5.37
N SER A 193 10.21 24.37 -4.04
CA SER A 193 11.25 25.13 -3.32
C SER A 193 12.48 24.28 -2.96
N LEU A 194 12.40 22.96 -3.17
CA LEU A 194 13.50 22.08 -2.81
C LEU A 194 14.65 22.20 -3.78
N SER A 195 15.85 22.40 -3.25
CA SER A 195 17.05 22.42 -4.09
C SER A 195 17.37 21.02 -4.60
N SER A 196 18.28 20.93 -5.55
CA SER A 196 18.81 19.66 -6.05
C SER A 196 19.37 18.77 -4.95
N LYS A 197 20.12 19.38 -4.02
CA LYS A 197 20.68 18.70 -2.85
C LYS A 197 19.56 18.10 -1.99
N GLU A 198 18.51 18.89 -1.76
CA GLU A 198 17.40 18.44 -0.93
C GLU A 198 16.62 17.32 -1.60
N ILE A 199 16.43 17.40 -2.91
CA ILE A 199 15.71 16.35 -3.66
C ILE A 199 16.47 15.03 -3.57
N GLU A 200 17.78 15.12 -3.73
CA GLU A 200 18.68 13.95 -3.67
C GLU A 200 18.72 13.32 -2.25
N ARG A 201 18.81 14.16 -1.22
CA ARG A 201 18.73 13.69 0.17
C ARG A 201 17.37 13.03 0.47
N LEU A 202 16.29 13.63 -0.02
CA LEU A 202 14.95 13.12 0.24
C LEU A 202 14.77 11.76 -0.43
N HIS A 203 15.21 11.64 -1.67
CA HIS A 203 15.19 10.34 -2.33
C HIS A 203 15.94 9.29 -1.51
N GLU A 204 17.16 9.63 -1.09
CA GLU A 204 17.99 8.74 -0.30
C GLU A 204 17.28 8.28 1.00
N GLU A 205 16.64 9.23 1.69
CA GLU A 205 16.00 8.90 2.97
C GLU A 205 14.70 8.12 2.78
N MET A 206 13.99 8.40 1.69
CA MET A 206 12.79 7.63 1.35
C MET A 206 13.14 6.14 1.14
N VAL A 207 14.18 5.91 0.36
CA VAL A 207 14.66 4.54 0.08
C VAL A 207 15.11 3.86 1.38
N ALA A 208 15.79 4.61 2.24
CA ALA A 208 16.26 4.09 3.53
C ALA A 208 15.11 3.80 4.48
N THR A 209 14.13 4.69 4.52
CA THR A 209 12.95 4.50 5.36
C THR A 209 12.22 3.21 4.98
N ILE A 210 11.95 3.06 3.69
CA ILE A 210 11.30 1.85 3.18
C ILE A 210 12.23 0.63 3.29
N GLY A 211 13.47 0.77 2.84
CA GLY A 211 14.44 -0.33 2.84
C GLY A 211 14.68 -0.98 4.19
N GLU A 212 14.81 -0.15 5.22
CA GLU A 212 14.96 -0.60 6.61
C GLU A 212 13.75 -1.35 7.16
N ALA A 213 12.56 -0.80 6.93
CA ALA A 213 11.32 -1.32 7.47
C ALA A 213 10.98 -2.72 6.98
N HIS A 221 10.94 2.56 16.49
CA HIS A 221 11.47 2.75 15.15
C HIS A 221 10.94 4.01 14.48
N LEU A 222 10.42 4.97 15.27
CA LEU A 222 9.85 6.21 14.71
C LEU A 222 10.49 7.43 15.36
N TYR A 223 10.80 8.42 14.53
CA TYR A 223 11.40 9.66 14.98
C TYR A 223 10.34 10.73 15.30
N VAL A 224 9.27 10.76 14.51
CA VAL A 224 8.29 11.86 14.61
C VAL A 224 6.82 11.39 14.67
N TYR A 225 6.46 10.35 13.91
CA TYR A 225 5.05 10.01 13.76
C TYR A 225 4.40 9.64 15.08
N GLY A 226 3.36 10.38 15.45
CA GLY A 226 2.62 10.17 16.69
C GLY A 226 3.36 10.60 17.93
N ARG A 227 4.50 11.28 17.75
CA ARG A 227 5.38 11.60 18.88
C ARG A 227 5.28 13.05 19.35
N GLN A 228 4.26 13.75 18.86
CA GLN A 228 4.01 15.16 19.23
C GLN A 228 4.10 15.39 20.73
N GLY A 229 4.85 16.41 21.10
CA GLY A 229 5.02 16.79 22.51
C GLY A 229 6.09 15.98 23.23
N ASN A 230 6.67 14.99 22.57
CA ASN A 230 7.80 14.26 23.12
C ASN A 230 9.09 14.78 22.45
N PRO A 231 10.25 14.54 23.09
CA PRO A 231 11.50 15.08 22.56
C PRO A 231 11.97 14.39 21.28
N CYS A 232 12.49 15.20 20.38
CA CYS A 232 13.15 14.70 19.21
C CYS A 232 14.31 13.82 19.65
N LYS A 233 14.43 12.65 19.00
CA LYS A 233 15.47 11.68 19.31
C LYS A 233 16.84 12.13 18.84
N ARG A 234 16.87 13.14 17.98
CA ARG A 234 18.15 13.67 17.47
C ARG A 234 18.59 14.97 18.15
N CYS A 235 17.65 15.84 18.49
CA CYS A 235 18.04 17.16 19.06
C CYS A 235 17.32 17.53 20.36
N GLY A 236 16.33 16.72 20.76
CA GLY A 236 15.62 16.95 22.04
C GLY A 236 14.47 17.94 22.01
N THR A 237 14.31 18.61 20.87
CA THR A 237 13.21 19.59 20.68
C THR A 237 11.87 18.85 20.63
N PRO A 238 10.81 19.40 21.29
CA PRO A 238 9.55 18.69 21.19
C PRO A 238 9.03 18.61 19.77
N ILE A 239 8.64 17.40 19.39
CA ILE A 239 7.98 17.13 18.12
C ILE A 239 6.63 17.85 18.10
N GLU A 240 6.31 18.39 16.93
CA GLU A 240 5.07 19.13 16.74
C GLU A 240 4.15 18.47 15.75
N LYS A 241 2.87 18.81 15.83
CA LYS A 241 1.88 18.26 14.90
C LYS A 241 0.97 19.36 14.38
N THR A 242 0.70 19.31 13.08
CA THR A 242 -0.09 20.29 12.35
C THR A 242 -0.86 19.55 11.25
N VAL A 243 -1.64 20.28 10.47
CA VAL A 243 -2.34 19.70 9.32
C VAL A 243 -1.63 20.23 8.08
N VAL A 244 -1.26 19.30 7.20
CA VAL A 244 -0.62 19.61 5.93
C VAL A 244 -1.15 18.62 4.92
N ALA A 245 -1.63 19.10 3.77
CA ALA A 245 -2.24 18.26 2.74
C ALA A 245 -3.44 17.50 3.32
N GLY A 246 -4.14 18.12 4.26
CA GLY A 246 -5.33 17.50 4.86
C GLY A 246 -5.04 16.31 5.76
N ARG A 247 -3.78 16.14 6.17
CA ARG A 247 -3.37 15.03 7.03
C ARG A 247 -2.71 15.55 8.30
N GLY A 248 -2.84 14.78 9.38
CA GLY A 248 -2.01 15.00 10.61
C GLY A 248 -0.55 14.83 10.20
N THR A 249 0.28 15.79 10.60
CA THR A 249 1.64 15.88 10.10
C THR A 249 2.57 16.17 11.25
N HIS A 250 3.59 15.34 11.38
CA HIS A 250 4.47 15.37 12.55
C HIS A 250 5.89 15.75 12.13
N TYR A 251 6.55 16.63 12.89
CA TYR A 251 7.86 17.12 12.48
C TYR A 251 8.64 17.72 13.64
N CYS A 252 9.96 17.81 13.46
CA CYS A 252 10.82 18.50 14.43
C CYS A 252 11.14 19.86 13.86
N PRO A 253 10.73 20.93 14.57
CA PRO A 253 10.91 22.25 14.02
C PRO A 253 12.38 22.71 14.02
N ARG A 254 13.28 21.97 14.69
CA ARG A 254 14.70 22.27 14.64
C ARG A 254 15.43 21.49 13.55
N CYS A 255 15.22 20.17 13.51
CA CYS A 255 15.91 19.32 12.54
C CYS A 255 15.43 19.57 11.11
N GLN A 256 14.15 19.92 10.95
CA GLN A 256 13.61 20.12 9.59
C GLN A 256 13.51 21.60 9.23
N ARG A 257 13.87 21.93 7.98
CA ARG A 257 13.92 23.30 7.49
C ARG A 257 13.26 23.42 6.12
P 8OG C 9 -3.17 6.99 11.75
OP1 8OG C 9 -3.25 5.95 12.80
OP2 8OG C 9 -2.34 8.20 11.97
O5' 8OG C 9 -2.70 6.28 10.36
C5' 8OG C 9 -2.77 7.01 9.13
C4' 8OG C 9 -3.74 6.28 8.22
O4' 8OG C 9 -5.10 6.58 8.57
C3' 8OG C 9 -3.66 6.61 6.73
O3' 8OG C 9 -2.55 5.86 6.25
C2' 8OG C 9 -4.99 6.07 6.24
C1' 8OG C 9 -5.91 6.20 7.48
N9 8OG C 9 -7.07 7.08 7.23
C8 8OG C 9 -7.11 8.41 6.81
N7 8OG C 9 -8.37 8.78 6.68
C5 8OG C 9 -9.19 7.70 7.02
C6 8OG C 9 -10.60 7.50 7.05
O6 8OG C 9 -11.50 8.30 6.77
N1 8OG C 9 -10.97 6.22 7.48
C2 8OG C 9 -10.07 5.21 7.81
N2 8OG C 9 -10.54 4.00 8.18
N3 8OG C 9 -8.75 5.40 7.76
C4 8OG C 9 -8.38 6.65 7.35
O8 8OG C 9 -6.09 9.10 6.60
ZN ZN D . 15.13 17.44 16.09
#